data_8SWH
#
_entry.id   8SWH
#
_cell.length_a   1.00
_cell.length_b   1.00
_cell.length_c   1.00
_cell.angle_alpha   90.00
_cell.angle_beta   90.00
_cell.angle_gamma   90.00
#
_symmetry.space_group_name_H-M   'P 1'
#
loop_
_entity.id
_entity.type
_entity.pdbx_description
1 polymer 'Spike glycoprotein'
2 polymer 'TXG-0078 Fab Heavy chain'
3 polymer 'TXG-0078 Fab Light chain'
4 branched beta-D-mannopyranose-(1-4)-2-acetamido-2-deoxy-beta-D-glucopyranose-(1-4)-2-acetamido-2-deoxy-beta-D-glucopyranose
5 non-polymer 2-acetamido-2-deoxy-beta-D-glucopyranose
#
loop_
_entity_poly.entity_id
_entity_poly.type
_entity_poly.pdbx_seq_one_letter_code
_entity_poly.pdbx_strand_id
1 'polypeptide(L)'
;MFVFLVLLPLVSSQCVNLTTRTQLPPAYTNSFTRGVYYPDKVFRSSVLHSTQDLFLPFFSNVTWFHAIHVSGTNGTKRFD
NPVLPFNDGVYFASTEKSNIIRGWIFGTTLDSKTQSLLIVNNATNVVIKVCEFQFCNDPFLGVYYHKNNKSWMESEFRVY
SSANNCTFEYVSQPFLMDLEGKQGNFKNLREFVFKNIDGYFKIYSKHTPINLVRDLPQGFSALEPLVDLPIGINITRFQT
LLALHRSYLTPGDSSSGWTAGAAAYYVGYLQPRTFLLKYNENGTITDAVDCALDPLSETKCTLKSFTVEKGIYQTSNFRV
QPTESIVRFPNITNLCPFGEVFNATRFASVYAWNRKRISNCVADYSVLYNSASFSTFKCYGVSPTKLNDLCFTNVYADSF
VIRGDEVRQIAPGQTGKIADYNYKLPDDFTGCVIAWNSNNLDSKVGGNYNYLYRLFRKSNLKPFERDISTEIYQAGSTPC
NGVEGFNCYFPLQSYGFQPTNGVGYQPYRVVVLSFELLHAPATVCGPKKSTNLVKNKCVNFNFNGLTGTGVLTESNKKFL
PFQQFGRDIADTTDAVRDPQTLEILDITPCSFGGVSVITPGTNTSNQVAVLYQDVNCTEVPVAIHADQLTPTWRVYSTGS
NVFQTRAGCLIGAEHVNNSYECDIPIGAGICASYQTQTNSPGSASSVASQSIIAYTMSLGAENSCAYSNNSIAIPTNFTI
SVTTEILPVSMTKTSVDCTMYICGDSTECSNLLLQYGSFCTQLNRALTGIAVEQDKNTQEVFAQVKQIYKTPPIKDFGGF
NFSQILPDPSKPSKRSPIEDLLFNKVTLADAGFIKQYGDCLGDIAARDLICAQKFNGLTVLPPLLTDEMIAQYTSALLAG
TICSGWTFGAGPALQIPFPMQMAYRFNGIGVTQNVLYENQKLIANQFNSAIGKIQDSLSSTPSALGKLQDVVNQNAQALN
TLVKQLSSNFGAISSVLNDILSRLDPPEAEVQIDRLITGRLQSLQTYVTQQLIRAAEIRASANLAATKMSECVLGQSKRV
DFCGKGYHLMSFPQSAPHGVVFLHVTYVPAQEKNFTTAPAICHDGKAHFPREGVFVSNGTHWFVTQRNFYEPQIITTDNT
FVSGNCDVVIGIVNNTVYDPLQPELDSFKEELDKYFKNHTSPDVDLGDISGINASVVNIQKEIDRLNEVAKNLNESLIDL
QELGKYEQGSGYIPEAPRDGQAYVRKDGEWVLLSTFLGRSLEVLFQGPGSAWSHPQFEKGGGSGGGGSGGSAWSHPQFEK
;
A
2 'polypeptide(L)'
;MDCTWRILFLVAAATGTHAQVQVIQSGAEVKKPGASVKVSCKVSGYTLTELSIHWVRQAPGKGLEWMGGFDPEDAETIYA
QQFQGRVSMTEDTSTDTAYMELSSLRSEDTAVYYCATAFAITTVGTNYYYYYGMDVWGQGTTVTVSS
;
H
3 'polypeptide(L)'
;MRLLAQLLGLLMLWVPESSGDIVLTQTPLSSPVTLGQPASISCRSSQSLVHSDGNTYLSWLQQRPGQPPRLLIYKISNRF
SGVPDRFSGSGAGTDFTLKISRVEAEDVGLYYCTQATQFPHTFGQGTRLDIK
;
L
#
# COMPACT_ATOMS: atom_id res chain seq x y z
N CYS A 15 -11.90 9.14 5.85
CA CYS A 15 -12.47 8.52 7.02
C CYS A 15 -12.74 7.04 6.75
N VAL A 16 -12.05 6.19 7.49
CA VAL A 16 -12.18 4.75 7.33
C VAL A 16 -13.11 4.14 8.37
N ASN A 17 -14.15 3.40 7.93
CA ASN A 17 -15.16 2.78 8.80
C ASN A 17 -14.62 1.45 9.37
N LEU A 18 -13.64 1.57 10.30
CA LEU A 18 -12.94 0.46 10.97
C LEU A 18 -13.53 0.16 12.35
N THR A 19 -14.47 -0.79 12.38
CA THR A 19 -15.19 -1.12 13.60
C THR A 19 -15.39 -2.62 13.78
N THR A 20 -15.64 -3.03 15.03
CA THR A 20 -16.02 -4.41 15.35
C THR A 20 -17.48 -4.50 15.77
N ARG A 21 -17.88 -5.71 16.15
CA ARG A 21 -19.24 -6.01 16.56
C ARG A 21 -19.22 -6.84 17.83
N THR A 22 -20.35 -6.83 18.57
CA THR A 22 -20.62 -7.61 19.78
C THR A 22 -19.46 -7.66 20.78
N GLN A 23 -19.01 -6.49 21.18
CA GLN A 23 -17.97 -6.34 22.18
C GLN A 23 -18.59 -6.17 23.56
N LEU A 24 -18.17 -6.97 24.53
CA LEU A 24 -18.71 -6.85 25.86
C LEU A 24 -18.16 -5.59 26.55
N PRO A 25 -18.94 -4.94 27.43
CA PRO A 25 -18.57 -3.82 28.30
C PRO A 25 -18.11 -4.20 29.73
N PRO A 26 -16.87 -4.65 29.98
CA PRO A 26 -16.35 -5.00 31.30
C PRO A 26 -15.98 -3.81 32.18
N ALA A 27 -15.92 -2.61 31.60
CA ALA A 27 -15.49 -1.44 32.35
C ALA A 27 -16.64 -0.86 33.15
N TYR A 28 -16.31 -0.36 34.36
CA TYR A 28 -17.18 0.35 35.29
C TYR A 28 -16.52 1.70 35.57
N ASN A 61 -16.34 -0.31 41.02
CA ASN A 61 -15.88 -1.48 40.32
C ASN A 61 -14.73 -1.09 39.36
N VAL A 62 -14.16 -2.09 38.64
CA VAL A 62 -13.01 -2.00 37.71
C VAL A 62 -13.38 -1.29 36.41
N THR A 63 -12.47 -0.49 35.89
CA THR A 63 -12.61 0.32 34.69
C THR A 63 -11.94 -0.18 33.40
N TRP A 64 -11.47 -1.42 33.39
CA TRP A 64 -10.70 -1.85 32.24
C TRP A 64 -11.48 -1.98 30.96
N PHE A 65 -10.81 -1.65 29.86
CA PHE A 65 -11.34 -1.69 28.51
C PHE A 65 -10.25 -1.92 27.43
N HIS A 66 -10.52 -2.78 26.44
CA HIS A 66 -9.55 -2.98 25.35
C HIS A 66 -10.05 -2.34 24.07
N ALA A 67 -9.22 -1.47 23.46
CA ALA A 67 -9.60 -0.73 22.26
C ALA A 67 -9.54 -1.65 21.05
N ILE A 68 -8.54 -2.50 21.06
CA ILE A 68 -8.42 -3.48 20.03
C ILE A 68 -8.40 -4.81 20.72
N HIS A 69 -9.50 -5.51 20.69
CA HIS A 69 -9.54 -6.80 21.34
C HIS A 69 -8.90 -7.78 20.38
N VAL A 70 -8.13 -8.74 20.88
CA VAL A 70 -7.56 -9.68 19.93
C VAL A 70 -8.06 -11.08 20.20
N SER A 71 -8.69 -11.65 19.18
CA SER A 71 -9.21 -12.99 19.30
C SER A 71 -8.17 -13.98 18.85
N GLY A 72 -8.16 -15.13 19.49
CA GLY A 72 -7.26 -16.17 19.05
C GLY A 72 -7.56 -16.57 17.62
N THR A 73 -8.83 -16.54 17.20
CA THR A 73 -9.11 -16.98 15.86
C THR A 73 -8.58 -15.97 14.86
N ASN A 74 -7.62 -16.45 14.08
CA ASN A 74 -6.89 -15.75 13.03
C ASN A 74 -6.15 -14.52 13.54
N GLY A 75 -6.04 -14.38 14.87
CA GLY A 75 -5.39 -13.22 15.45
C GLY A 75 -6.24 -11.97 15.17
N THR A 76 -7.56 -12.13 15.04
CA THR A 76 -8.45 -11.04 14.66
C THR A 76 -8.41 -9.84 15.57
N LYS A 77 -8.26 -8.67 14.95
CA LYS A 77 -8.21 -7.40 15.66
C LYS A 77 -9.59 -6.75 15.62
N ARG A 78 -10.18 -6.56 16.79
CA ARG A 78 -11.52 -6.03 16.92
C ARG A 78 -11.52 -4.58 17.40
N PHE A 79 -11.84 -3.65 16.51
CA PHE A 79 -11.77 -2.22 16.83
C PHE A 79 -12.99 -1.58 17.46
N ASP A 80 -12.78 -1.02 18.65
CA ASP A 80 -13.83 -0.37 19.41
C ASP A 80 -13.25 0.85 20.11
N ASN A 81 -13.52 2.04 19.60
CA ASN A 81 -12.98 3.27 20.15
C ASN A 81 -14.15 4.20 20.39
N PRO A 82 -14.97 3.90 21.40
CA PRO A 82 -16.28 4.44 21.66
C PRO A 82 -16.21 5.85 22.12
N VAL A 83 -17.33 6.54 21.98
CA VAL A 83 -17.42 7.85 22.51
C VAL A 83 -17.89 7.73 23.94
N LEU A 84 -17.07 8.17 24.85
CA LEU A 84 -17.32 8.05 26.26
C LEU A 84 -17.70 9.40 26.85
N PRO A 85 -18.46 9.45 27.93
CA PRO A 85 -18.78 10.67 28.65
C PRO A 85 -17.51 11.17 29.27
N PHE A 86 -17.40 12.46 29.48
CA PHE A 86 -16.18 13.02 30.05
C PHE A 86 -16.24 13.26 31.57
N VAL A 90 -13.62 12.02 33.30
CA VAL A 90 -12.85 10.82 33.58
C VAL A 90 -11.42 10.94 33.09
N TYR A 91 -10.61 9.99 33.51
CA TYR A 91 -9.22 9.92 33.13
C TYR A 91 -8.98 8.50 32.68
N PHE A 92 -7.92 8.27 31.92
CA PHE A 92 -7.63 6.89 31.62
C PHE A 92 -6.19 6.57 31.92
N ALA A 93 -5.86 5.30 31.83
CA ALA A 93 -4.48 4.90 31.98
C ALA A 93 -4.16 3.70 31.10
N SER A 94 -2.92 3.65 30.64
CA SER A 94 -2.48 2.54 29.80
C SER A 94 -0.99 2.29 29.83
N THR A 95 -0.59 1.07 29.48
CA THR A 95 0.81 0.70 29.40
C THR A 95 1.43 1.14 28.09
N GLU A 96 0.58 1.55 27.15
CA GLU A 96 1.02 2.13 25.90
C GLU A 96 2.05 1.33 25.13
N LYS A 97 1.81 0.03 25.00
CA LYS A 97 2.75 -0.82 24.29
C LYS A 97 3.02 -0.23 22.91
N SER A 98 4.30 -0.13 22.59
CA SER A 98 4.81 0.35 21.30
C SER A 98 4.26 1.70 20.88
N ASN A 99 3.86 2.52 21.84
CA ASN A 99 3.32 3.83 21.53
C ASN A 99 2.18 3.78 20.53
N ILE A 100 1.29 2.81 20.66
CA ILE A 100 0.14 2.78 19.78
C ILE A 100 -0.78 3.94 20.12
N ILE A 101 -1.00 4.20 21.41
CA ILE A 101 -1.85 5.32 21.78
C ILE A 101 -1.03 6.56 21.61
N ARG A 102 -1.55 7.52 20.84
CA ARG A 102 -0.84 8.77 20.64
C ARG A 102 -1.57 9.93 21.21
N GLY A 103 -2.86 9.79 21.32
CA GLY A 103 -3.60 10.95 21.72
C GLY A 103 -5.03 10.65 21.93
N TRP A 104 -5.79 11.70 22.04
CA TRP A 104 -7.22 11.61 22.28
C TRP A 104 -7.94 12.89 21.87
N ILE A 105 -9.26 12.79 21.69
CA ILE A 105 -10.06 13.96 21.32
C ILE A 105 -11.24 14.17 22.22
N PHE A 106 -11.45 15.40 22.67
CA PHE A 106 -12.65 15.61 23.48
C PHE A 106 -13.36 16.95 23.29
N GLY A 107 -14.68 16.94 23.49
CA GLY A 107 -15.49 18.15 23.31
C GLY A 107 -16.99 17.93 23.54
N THR A 108 -17.81 18.94 23.29
CA THR A 108 -19.25 18.81 23.53
C THR A 108 -19.96 17.86 22.58
N THR A 109 -19.68 17.97 21.29
CA THR A 109 -20.34 17.11 20.34
C THR A 109 -19.41 16.26 19.49
N LEU A 110 -18.13 16.65 19.41
CA LEU A 110 -17.18 15.98 18.52
C LEU A 110 -17.70 16.05 17.08
N ASP A 111 -18.30 17.18 16.76
CA ASP A 111 -18.95 17.47 15.48
C ASP A 111 -18.81 18.95 15.19
N SER A 112 -19.37 19.37 14.08
CA SER A 112 -19.32 20.76 13.65
C SER A 112 -20.24 21.62 14.51
N LYS A 113 -20.10 22.93 14.31
CA LYS A 113 -20.82 24.01 15.00
C LYS A 113 -20.42 24.15 16.46
N THR A 114 -19.28 23.58 16.80
CA THR A 114 -18.69 23.70 18.11
C THR A 114 -17.21 23.38 18.00
N GLN A 115 -16.54 23.25 19.13
CA GLN A 115 -15.11 22.93 19.08
C GLN A 115 -14.74 21.76 19.93
N SER A 116 -13.65 21.12 19.56
CA SER A 116 -13.10 20.01 20.32
C SER A 116 -11.60 20.11 20.38
N LEU A 117 -11.04 19.46 21.38
CA LEU A 117 -9.64 19.44 21.65
C LEU A 117 -8.95 18.22 21.14
N LEU A 118 -7.97 18.45 20.28
CA LEU A 118 -7.18 17.40 19.68
C LEU A 118 -5.78 17.35 20.24
N ILE A 119 -5.44 16.27 20.94
CA ILE A 119 -4.09 16.18 21.50
C ILE A 119 -3.38 14.99 20.91
N VAL A 120 -2.28 15.24 20.19
CA VAL A 120 -1.52 14.13 19.57
C VAL A 120 -0.02 14.16 19.81
N ASN A 121 0.54 13.07 20.33
CA ASN A 121 1.98 12.96 20.53
C ASN A 121 2.69 12.21 19.38
N ASN A 122 3.97 12.56 19.16
CA ASN A 122 4.91 11.85 18.30
C ASN A 122 6.30 11.94 18.94
N ALA A 123 7.33 11.40 18.28
CA ALA A 123 8.70 11.31 18.81
C ALA A 123 9.39 12.65 19.12
N THR A 124 8.98 13.75 18.51
CA THR A 124 9.70 15.01 18.75
C THR A 124 8.90 16.04 19.52
N ASN A 125 7.59 16.00 19.41
CA ASN A 125 6.74 16.92 20.16
C ASN A 125 5.32 16.44 20.25
N VAL A 126 4.53 17.21 20.99
CA VAL A 126 3.13 17.01 21.10
C VAL A 126 2.42 18.28 20.74
N VAL A 127 1.39 18.14 19.94
CA VAL A 127 0.67 19.30 19.53
C VAL A 127 -0.78 19.25 19.94
N ILE A 128 -1.21 20.32 20.57
CA ILE A 128 -2.58 20.45 20.97
C ILE A 128 -3.29 21.57 20.25
N LYS A 129 -4.46 21.25 19.72
CA LYS A 129 -5.29 22.26 19.04
C LYS A 129 -6.73 22.21 19.48
N VAL A 130 -7.39 23.36 19.47
CA VAL A 130 -8.82 23.37 19.73
C VAL A 130 -9.49 24.04 18.54
N CYS A 131 -10.35 23.27 17.81
CA CYS A 131 -10.95 23.72 16.55
C CYS A 131 -12.26 23.02 16.26
N GLU A 132 -12.95 23.55 15.26
CA GLU A 132 -14.15 22.94 14.74
C GLU A 132 -13.68 21.91 13.73
N PHE A 133 -13.21 20.78 14.27
CA PHE A 133 -12.61 19.72 13.48
C PHE A 133 -13.58 18.83 12.73
N GLN A 134 -14.79 18.62 13.27
CA GLN A 134 -15.79 17.71 12.66
C GLN A 134 -15.06 16.50 12.13
N PHE A 135 -14.42 15.79 13.02
CA PHE A 135 -13.52 14.75 12.62
C PHE A 135 -14.25 13.43 12.33
N CYS A 136 -13.49 12.39 11.91
CA CYS A 136 -13.93 11.04 11.56
C CYS A 136 -14.51 10.29 12.77
N ASN A 137 -15.61 9.58 12.56
CA ASN A 137 -16.24 8.79 13.62
C ASN A 137 -15.28 7.80 14.25
N ASP A 138 -14.38 7.25 13.45
CA ASP A 138 -13.41 6.28 13.90
C ASP A 138 -12.04 6.78 13.46
N PRO A 139 -11.54 7.87 14.09
CA PRO A 139 -10.35 8.58 13.70
C PRO A 139 -9.12 7.83 14.10
N PHE A 140 -8.09 7.89 13.29
CA PHE A 140 -6.80 7.29 13.62
C PHE A 140 -5.67 8.16 13.15
N LEU A 141 -4.50 8.02 13.75
CA LEU A 141 -3.37 8.72 13.19
C LEU A 141 -2.78 7.75 12.18
N GLY A 142 -2.72 8.14 10.92
CA GLY A 142 -2.24 7.18 9.96
C GLY A 142 -0.73 7.17 9.95
N VAL A 143 -0.14 5.99 9.77
CA VAL A 143 1.29 5.90 9.60
C VAL A 143 1.56 5.19 8.28
N TYR A 144 2.27 5.87 7.39
CA TYR A 144 2.51 5.35 6.05
C TYR A 144 3.95 5.51 5.64
N TYR A 145 4.38 4.73 4.67
CA TYR A 145 5.74 4.89 4.21
C TYR A 145 5.84 5.92 3.12
N HIS A 146 6.75 6.85 3.30
CA HIS A 146 6.98 7.89 2.33
C HIS A 146 8.18 7.48 1.48
N LYS A 147 7.95 7.28 0.19
CA LYS A 147 9.00 6.77 -0.68
C LYS A 147 10.04 7.79 -1.09
N ASN A 148 9.67 9.06 -1.12
CA ASN A 148 10.66 10.03 -1.58
C ASN A 148 11.66 10.44 -0.47
N ASN A 149 11.19 10.51 0.82
CA ASN A 149 12.03 10.85 1.99
C ASN A 149 12.59 9.59 2.68
N LYS A 150 12.05 8.50 2.14
CA LYS A 150 12.54 7.19 2.53
C LYS A 150 12.43 7.22 4.02
N SER A 151 11.21 7.16 4.49
CA SER A 151 10.89 7.07 5.90
C SER A 151 9.42 6.94 6.19
N TRP A 152 9.10 6.60 7.42
CA TRP A 152 7.71 6.53 7.83
C TRP A 152 7.25 7.88 8.27
N MET A 153 6.02 8.22 7.92
CA MET A 153 5.43 9.50 8.29
C MET A 153 4.03 9.36 8.80
N GLU A 154 3.66 10.30 9.65
CA GLU A 154 2.35 10.31 10.27
C GLU A 154 1.39 11.26 9.57
N SER A 155 0.10 10.95 9.61
CA SER A 155 -0.91 11.81 9.02
C SER A 155 -2.18 11.99 9.83
N GLU A 156 -2.55 13.27 10.00
CA GLU A 156 -3.74 13.68 10.73
C GLU A 156 -4.96 13.67 9.85
N PHE A 157 -4.80 13.30 8.59
CA PHE A 157 -5.92 13.39 7.69
C PHE A 157 -6.71 12.11 7.66
N ARG A 158 -6.38 11.27 8.62
CA ARG A 158 -7.11 10.07 8.92
C ARG A 158 -7.86 10.29 10.23
N VAL A 159 -7.74 11.50 10.79
CA VAL A 159 -8.40 11.88 12.01
C VAL A 159 -9.54 12.78 11.64
N TYR A 160 -9.24 13.80 10.82
CA TYR A 160 -10.19 14.80 10.38
C TYR A 160 -9.83 15.23 8.98
N SER A 161 -10.74 15.92 8.30
CA SER A 161 -10.44 16.40 6.97
C SER A 161 -9.89 17.81 7.07
N SER A 162 -10.77 18.78 7.11
CA SER A 162 -10.32 20.16 7.26
C SER A 162 -10.98 20.78 8.46
N ALA A 163 -10.26 21.62 9.17
CA ALA A 163 -10.85 22.32 10.28
C ALA A 163 -11.42 23.66 9.83
N ASN A 164 -12.48 24.10 10.49
CA ASN A 164 -13.05 25.40 10.24
C ASN A 164 -12.27 26.39 11.09
N ASN A 165 -12.64 27.66 11.01
CA ASN A 165 -11.92 28.72 11.68
C ASN A 165 -11.71 28.46 13.17
N CYS A 166 -10.45 28.59 13.64
CA CYS A 166 -10.03 28.40 15.04
C CYS A 166 -8.75 29.17 15.31
N THR A 167 -8.45 29.40 16.58
CA THR A 167 -7.23 30.11 16.98
C THR A 167 -6.28 29.40 17.94
N PHE A 168 -6.71 28.35 18.62
CA PHE A 168 -5.84 27.80 19.64
C PHE A 168 -4.93 26.68 19.20
N GLU A 169 -3.64 26.88 19.49
CA GLU A 169 -2.60 25.89 19.25
C GLU A 169 -1.50 26.03 20.28
N TYR A 170 -1.00 24.89 20.75
CA TYR A 170 0.15 24.87 21.65
C TYR A 170 1.07 23.69 21.43
N VAL A 171 2.37 23.93 21.50
CA VAL A 171 3.32 22.85 21.26
C VAL A 171 4.30 22.69 22.42
N SER A 172 4.49 21.44 22.81
CA SER A 172 5.43 21.08 23.88
C SER A 172 6.13 19.77 23.58
N GLN A 173 7.07 19.37 24.44
CA GLN A 173 7.81 18.13 24.25
C GLN A 173 6.84 16.98 24.46
N PRO A 174 7.06 15.79 23.90
CA PRO A 174 6.17 14.67 24.02
C PRO A 174 6.05 14.28 25.46
N PHE A 175 4.87 13.86 25.87
CA PHE A 175 4.73 13.38 27.23
C PHE A 175 4.35 11.92 27.28
N LEU A 176 3.95 11.36 26.13
CA LEU A 176 3.55 9.95 26.12
C LEU A 176 4.61 8.97 25.62
N MET A 177 5.52 9.45 24.79
CA MET A 177 6.41 8.55 24.05
C MET A 177 7.57 7.90 24.76
N ASP A 178 8.09 8.49 25.83
CA ASP A 178 9.26 7.86 26.41
C ASP A 178 8.82 6.76 27.34
N LEU A 179 8.97 5.51 26.88
CA LEU A 179 8.53 4.33 27.60
C LEU A 179 9.70 3.70 28.37
N GLU A 180 10.86 4.37 28.32
CA GLU A 180 12.10 3.91 28.96
C GLU A 180 12.52 2.47 28.58
N GLY A 181 12.40 2.13 27.27
CA GLY A 181 12.74 0.85 26.70
C GLY A 181 12.09 0.77 25.32
N PHE A 186 7.54 -5.51 33.54
CA PHE A 186 8.07 -4.38 32.77
C PHE A 186 7.03 -3.85 31.74
N LYS A 187 5.91 -3.31 32.25
CA LYS A 187 4.82 -2.71 31.45
C LYS A 187 4.79 -1.20 31.62
N ASN A 188 5.16 -0.74 32.79
CA ASN A 188 5.31 0.69 33.06
C ASN A 188 4.13 1.60 32.68
N LEU A 189 3.04 1.47 33.41
CA LEU A 189 1.77 2.16 33.25
C LEU A 189 1.82 3.67 33.39
N ARG A 190 1.14 4.36 32.46
CA ARG A 190 1.06 5.81 32.52
C ARG A 190 -0.40 6.20 32.80
N GLU A 191 -0.62 6.92 33.89
CA GLU A 191 -1.95 7.34 34.32
C GLU A 191 -2.22 8.83 34.14
N PHE A 192 -3.39 9.20 33.55
CA PHE A 192 -3.77 10.60 33.29
C PHE A 192 -4.75 11.07 34.33
N SER A 205 -0.65 13.02 34.62
CA SER A 205 0.28 12.34 33.74
C SER A 205 1.44 11.69 34.55
N LYS A 206 1.12 10.61 35.30
CA LYS A 206 2.03 9.86 36.16
C LYS A 206 2.51 8.56 35.57
N HIS A 207 3.80 8.50 35.29
CA HIS A 207 4.41 7.34 34.65
C HIS A 207 5.19 6.60 35.69
N THR A 208 4.77 5.39 35.98
CA THR A 208 5.42 4.65 37.04
C THR A 208 5.85 3.31 36.50
N PRO A 209 6.85 2.65 37.08
CA PRO A 209 7.24 1.31 36.73
C PRO A 209 6.19 0.37 37.22
N ILE A 210 5.97 -0.72 36.52
CA ILE A 210 5.02 -1.73 37.01
C ILE A 210 5.14 -3.01 36.21
N ASN A 211 4.82 -4.12 36.83
CA ASN A 211 4.76 -5.41 36.17
C ASN A 211 3.37 -5.72 35.62
N LEU A 212 3.18 -6.89 35.00
CA LEU A 212 1.87 -7.18 34.41
C LEU A 212 0.88 -7.79 35.36
N VAL A 213 0.34 -6.94 36.19
CA VAL A 213 -0.64 -7.36 37.18
C VAL A 213 -2.00 -6.74 36.95
N ARG A 214 -2.07 -5.80 35.99
CA ARG A 214 -3.28 -5.09 35.60
C ARG A 214 -3.93 -4.40 36.80
N ASP A 215 -3.10 -3.86 37.69
CA ASP A 215 -3.54 -3.19 38.89
C ASP A 215 -3.25 -1.68 38.81
N LEU A 216 -3.61 -0.92 39.87
CA LEU A 216 -3.41 0.52 40.08
C LEU A 216 -1.98 0.95 39.76
N ASN A 234 -17.33 23.66 26.00
CA ASN A 234 -17.71 22.66 26.99
C ASN A 234 -17.25 21.30 26.47
N ILE A 235 -16.93 20.36 27.40
CA ILE A 235 -16.54 18.99 27.05
C ILE A 235 -17.58 18.06 27.60
N THR A 236 -18.16 17.22 26.78
CA THR A 236 -19.14 16.29 27.28
C THR A 236 -18.75 14.85 27.03
N ARG A 237 -17.95 14.64 25.99
CA ARG A 237 -17.60 13.29 25.60
C ARG A 237 -16.28 13.20 24.82
N PHE A 238 -15.72 11.98 24.74
CA PHE A 238 -14.44 11.81 24.07
C PHE A 238 -14.12 10.46 23.47
N GLN A 239 -13.09 10.44 22.63
CA GLN A 239 -12.54 9.22 22.03
C GLN A 239 -11.03 9.20 22.14
N THR A 240 -10.42 8.03 22.17
CA THR A 240 -8.96 7.99 22.13
C THR A 240 -8.44 7.85 20.70
N LEU A 241 -7.18 8.18 20.50
CA LEU A 241 -6.53 8.04 19.20
C LEU A 241 -5.34 7.11 19.21
N LEU A 242 -5.45 6.11 18.36
CA LEU A 242 -4.41 5.14 18.18
C LEU A 242 -3.73 5.44 16.87
N ALA A 243 -2.47 5.09 16.74
CA ALA A 243 -1.79 5.21 15.47
C ALA A 243 -1.82 3.87 14.77
N LEU A 244 -1.97 3.89 13.47
CA LEU A 244 -1.97 2.63 12.74
C LEU A 244 -0.85 2.55 11.73
N HIS A 245 0.01 1.56 11.93
CA HIS A 245 1.17 1.31 11.09
C HIS A 245 0.75 0.45 9.91
N ARG A 246 0.58 1.09 8.75
CA ARG A 246 0.02 0.38 7.60
C ARG A 246 0.97 -0.70 7.12
N SER A 247 0.42 -1.87 6.80
CA SER A 247 1.23 -2.94 6.28
C SER A 247 1.31 -2.82 4.79
N TYR A 248 2.32 -3.44 4.23
CA TYR A 248 2.47 -3.47 2.81
C TYR A 248 2.65 -4.89 2.35
N LEU A 249 1.51 -5.50 2.05
CA LEU A 249 1.46 -6.90 1.67
C LEU A 249 1.24 -6.99 0.17
N THR A 250 0.02 -6.72 -0.27
CA THR A 250 -0.28 -6.74 -1.68
C THR A 250 -1.05 -5.48 -2.10
N PRO A 251 -0.72 -4.84 -3.24
CA PRO A 251 -1.44 -3.74 -3.91
C PRO A 251 -2.84 -4.06 -4.38
N GLY A 252 -3.15 -5.34 -4.51
CA GLY A 252 -4.48 -5.68 -4.93
C GLY A 252 -5.37 -5.64 -3.71
N ASP A 253 -6.65 -5.89 -3.87
CA ASP A 253 -7.61 -5.77 -2.78
C ASP A 253 -7.84 -6.97 -1.88
N SER A 254 -6.82 -7.36 -1.14
CA SER A 254 -6.96 -8.48 -0.20
C SER A 254 -7.41 -8.01 1.18
N SER A 255 -6.98 -6.80 1.53
CA SER A 255 -7.27 -6.15 2.80
C SER A 255 -6.92 -4.69 2.63
N SER A 256 -7.29 -3.82 3.57
CA SER A 256 -6.82 -2.43 3.44
C SER A 256 -5.36 -2.28 3.87
N GLY A 257 -4.96 -3.15 4.82
CA GLY A 257 -3.61 -3.20 5.39
C GLY A 257 -3.42 -2.05 6.35
N TRP A 258 -4.46 -1.29 6.55
CA TRP A 258 -4.38 -0.09 7.30
C TRP A 258 -3.96 -0.28 8.75
N THR A 259 -4.49 -1.30 9.39
CA THR A 259 -4.25 -1.54 10.80
C THR A 259 -3.06 -2.42 11.14
N ALA A 260 -2.59 -2.29 12.37
CA ALA A 260 -1.57 -3.16 12.93
C ALA A 260 -1.60 -3.09 14.46
N GLY A 261 -1.21 -4.17 15.13
CA GLY A 261 -1.06 -4.18 16.59
C GLY A 261 -2.39 -4.22 17.31
N ALA A 262 -2.33 -3.99 18.64
CA ALA A 262 -3.52 -3.97 19.48
C ALA A 262 -3.25 -3.05 20.66
N ALA A 263 -4.30 -2.43 21.21
CA ALA A 263 -4.14 -1.52 22.32
C ALA A 263 -5.32 -1.49 23.29
N ALA A 264 -5.05 -1.00 24.47
CA ALA A 264 -6.05 -0.90 25.51
C ALA A 264 -5.79 0.26 26.41
N TYR A 265 -6.86 0.70 27.06
CA TYR A 265 -6.76 1.75 28.03
C TYR A 265 -7.88 1.54 29.01
N TYR A 266 -7.60 1.76 30.28
CA TYR A 266 -8.59 1.54 31.31
C TYR A 266 -9.16 2.92 31.64
N VAL A 267 -10.48 3.06 31.66
CA VAL A 267 -11.06 4.40 31.78
C VAL A 267 -12.19 4.61 32.78
N GLY A 268 -12.13 5.71 33.52
CA GLY A 268 -13.20 6.00 34.47
C GLY A 268 -12.96 7.22 35.37
N TYR A 269 -13.86 7.41 36.35
CA TYR A 269 -13.86 8.53 37.29
C TYR A 269 -12.95 8.19 38.48
N GLN B 20 -6.16 -1.70 -2.15
CA GLN B 20 -6.71 -1.64 -3.49
C GLN B 20 -6.19 -0.32 -4.13
N VAL B 21 -5.14 -0.40 -5.00
CA VAL B 21 -4.54 0.77 -5.69
C VAL B 21 -5.44 1.51 -6.71
N GLN B 22 -6.22 0.77 -7.51
CA GLN B 22 -7.11 1.41 -8.50
C GLN B 22 -6.45 2.36 -9.51
N VAL B 23 -5.55 1.88 -10.35
CA VAL B 23 -4.89 2.79 -11.28
C VAL B 23 -5.83 3.27 -12.39
N ILE B 24 -5.89 4.59 -12.58
CA ILE B 24 -6.74 5.29 -13.54
C ILE B 24 -5.95 5.97 -14.66
N GLN B 25 -6.26 5.61 -15.90
CA GLN B 25 -5.56 6.16 -17.06
C GLN B 25 -6.37 7.17 -17.87
N SER B 26 -5.65 7.98 -18.63
CA SER B 26 -6.20 8.98 -19.55
C SER B 26 -6.73 8.31 -20.83
N GLY B 27 -7.41 9.09 -21.67
CA GLY B 27 -7.93 8.56 -22.94
C GLY B 27 -6.87 8.60 -24.04
N ALA B 28 -7.28 8.26 -25.27
CA ALA B 28 -6.38 8.21 -26.43
C ALA B 28 -6.08 9.59 -26.98
N GLU B 29 -4.90 9.71 -27.59
CA GLU B 29 -4.51 10.96 -28.23
C GLU B 29 -3.49 10.75 -29.35
N VAL B 30 -3.71 11.42 -30.47
CA VAL B 30 -2.79 11.30 -31.59
C VAL B 30 -2.16 12.62 -32.00
N LYS B 31 -0.84 12.62 -32.05
CA LYS B 31 -0.06 13.77 -32.44
C LYS B 31 0.97 13.43 -33.51
N LYS B 32 1.41 14.45 -34.23
CA LYS B 32 2.41 14.30 -35.27
C LYS B 32 3.80 14.10 -34.66
N PRO B 33 4.76 13.50 -35.39
CA PRO B 33 6.10 13.22 -34.95
C PRO B 33 6.79 14.43 -34.36
N GLY B 34 7.45 14.16 -33.26
CA GLY B 34 8.19 15.10 -32.44
C GLY B 34 7.35 15.66 -31.29
N ALA B 35 6.03 15.52 -31.37
CA ALA B 35 5.18 16.06 -30.32
C ALA B 35 4.99 15.04 -29.22
N SER B 36 5.17 15.45 -27.98
CA SER B 36 4.92 14.50 -26.92
C SER B 36 3.47 14.49 -26.53
N VAL B 37 3.04 13.36 -25.97
CA VAL B 37 1.72 13.21 -25.40
C VAL B 37 1.97 12.95 -23.92
N LYS B 38 1.40 13.79 -23.08
CA LYS B 38 1.60 13.63 -21.65
C LYS B 38 0.47 12.81 -21.09
N VAL B 39 0.82 11.65 -20.57
CA VAL B 39 -0.12 10.67 -20.07
C VAL B 39 -0.17 10.65 -18.57
N SER B 40 -1.36 10.84 -18.02
CA SER B 40 -1.56 10.86 -16.58
C SER B 40 -1.75 9.45 -16.02
N CYS B 41 -1.58 9.30 -14.69
CA CYS B 41 -1.83 8.09 -13.91
C CYS B 41 -2.34 8.44 -12.53
N LYS B 42 -3.61 8.25 -12.31
CA LYS B 42 -4.20 8.60 -11.04
C LYS B 42 -4.37 7.36 -10.18
N VAL B 43 -4.10 7.47 -8.89
CA VAL B 43 -4.29 6.30 -8.04
C VAL B 43 -5.26 6.62 -6.90
N SER B 44 -5.88 5.58 -6.32
CA SER B 44 -6.80 5.78 -5.22
C SER B 44 -6.88 4.55 -4.29
N GLY B 45 -6.55 4.77 -3.01
CA GLY B 45 -6.51 3.75 -1.95
C GLY B 45 -5.14 3.78 -1.30
N TYR B 46 -4.17 4.18 -2.09
CA TYR B 46 -2.79 4.44 -1.73
C TYR B 46 -2.47 5.74 -2.39
N THR B 47 -1.68 6.58 -1.75
CA THR B 47 -1.30 7.83 -2.37
C THR B 47 -0.08 7.60 -3.23
N LEU B 48 0.30 8.54 -4.09
CA LEU B 48 1.51 8.25 -4.89
C LEU B 48 2.70 8.11 -3.99
N THR B 49 2.69 8.82 -2.89
CA THR B 49 3.74 8.83 -1.91
C THR B 49 4.13 7.41 -1.49
N GLU B 50 3.18 6.48 -1.45
CA GLU B 50 3.38 5.12 -0.99
C GLU B 50 3.80 4.15 -2.11
N LEU B 51 3.63 4.57 -3.37
CA LEU B 51 3.78 3.67 -4.52
C LEU B 51 4.91 3.93 -5.47
N SER B 52 5.44 2.85 -6.00
CA SER B 52 6.39 2.95 -7.06
C SER B 52 5.60 3.00 -8.34
N ILE B 53 5.92 3.93 -9.20
CA ILE B 53 5.24 4.04 -10.46
C ILE B 53 6.18 3.63 -11.57
N HIS B 54 5.71 2.73 -12.42
CA HIS B 54 6.44 2.24 -13.56
C HIS B 54 5.66 2.43 -14.83
N TRP B 55 6.35 2.69 -15.92
CA TRP B 55 5.68 2.81 -17.18
C TRP B 55 6.14 1.75 -18.16
N VAL B 56 5.17 1.24 -18.90
CA VAL B 56 5.34 0.19 -19.91
C VAL B 56 4.69 0.52 -21.24
N ARG B 57 5.38 0.22 -22.32
CA ARG B 57 4.86 0.41 -23.66
C ARG B 57 4.42 -0.93 -24.27
N GLN B 58 3.33 -0.97 -25.02
CA GLN B 58 2.98 -2.22 -25.68
C GLN B 58 2.51 -2.07 -27.12
N ALA B 59 3.00 -2.94 -27.99
CA ALA B 59 2.54 -2.88 -29.37
C ALA B 59 2.68 -4.21 -30.09
N PRO B 60 1.84 -4.48 -31.12
CA PRO B 60 2.00 -5.61 -31.98
C PRO B 60 3.36 -5.49 -32.61
N GLY B 61 4.12 -6.56 -32.62
CA GLY B 61 5.44 -6.54 -33.23
C GLY B 61 6.54 -6.08 -32.27
N LYS B 62 6.17 -5.55 -31.11
CA LYS B 62 7.17 -5.09 -30.16
C LYS B 62 7.08 -5.84 -28.85
N GLY B 63 5.86 -6.23 -28.46
CA GLY B 63 5.67 -6.91 -27.21
C GLY B 63 5.47 -5.91 -26.08
N LEU B 64 5.75 -6.36 -24.86
CA LEU B 64 5.51 -5.58 -23.65
C LEU B 64 6.88 -5.04 -23.19
N GLU B 65 7.07 -3.72 -23.22
CA GLU B 65 8.38 -3.11 -22.96
C GLU B 65 8.46 -2.15 -21.77
N TRP B 66 9.37 -2.39 -20.84
CA TRP B 66 9.51 -1.48 -19.70
C TRP B 66 10.21 -0.21 -20.14
N MET B 67 9.68 0.96 -19.76
CA MET B 67 10.30 2.22 -20.14
C MET B 67 11.15 2.77 -19.02
N GLY B 68 10.68 2.55 -17.81
CA GLY B 68 11.32 3.10 -16.63
C GLY B 68 10.38 3.15 -15.45
N GLY B 69 10.90 3.52 -14.29
CA GLY B 69 10.10 3.62 -13.08
C GLY B 69 10.89 3.84 -11.80
N PHE B 70 10.16 4.10 -10.73
CA PHE B 70 10.74 4.38 -9.42
C PHE B 70 11.42 3.17 -8.77
N ASP B 71 12.64 3.38 -8.29
CA ASP B 71 13.39 2.35 -7.58
C ASP B 71 13.70 2.80 -6.15
N PRO B 72 12.95 2.31 -5.14
CA PRO B 72 12.99 2.65 -3.73
C PRO B 72 14.35 2.55 -3.06
N GLU B 73 15.26 1.72 -3.58
CA GLU B 73 16.55 1.65 -2.90
C GLU B 73 17.27 2.98 -3.04
N ASP B 74 17.17 3.56 -4.23
CA ASP B 74 17.82 4.82 -4.53
C ASP B 74 16.82 5.94 -4.35
N ALA B 75 15.54 5.55 -4.34
CA ALA B 75 14.38 6.39 -4.24
C ALA B 75 14.32 7.39 -5.36
N GLU B 76 14.58 6.91 -6.57
CA GLU B 76 14.53 7.75 -7.77
C GLU B 76 14.10 6.96 -8.98
N THR B 77 13.65 7.65 -10.02
CA THR B 77 13.25 7.01 -11.25
C THR B 77 14.43 6.61 -12.10
N ILE B 78 14.40 5.36 -12.52
CA ILE B 78 15.39 4.79 -13.40
C ILE B 78 14.76 4.51 -14.74
N TYR B 79 15.42 4.96 -15.77
CA TYR B 79 14.92 4.81 -17.13
C TYR B 79 15.59 3.61 -17.75
N ALA B 80 14.93 3.06 -18.76
CA ALA B 80 15.44 1.93 -19.51
C ALA B 80 16.71 2.30 -20.26
N GLN B 81 17.45 1.28 -20.67
CA GLN B 81 18.67 1.46 -21.45
C GLN B 81 18.36 2.04 -22.84
N GLN B 82 17.13 1.86 -23.32
CA GLN B 82 16.69 2.46 -24.57
C GLN B 82 15.82 3.62 -24.10
N PHE B 83 15.25 4.44 -24.97
CA PHE B 83 14.53 5.62 -24.45
C PHE B 83 15.53 6.36 -23.57
N GLN B 84 16.72 6.55 -24.10
CA GLN B 84 17.85 7.14 -23.39
C GLN B 84 17.60 8.55 -22.91
N GLY B 85 16.66 9.20 -23.54
CA GLY B 85 16.32 10.56 -23.23
C GLY B 85 15.11 10.90 -24.05
N ARG B 86 14.66 12.14 -23.92
CA ARG B 86 13.45 12.63 -24.59
C ARG B 86 12.23 11.88 -24.06
N VAL B 87 12.39 11.35 -22.86
CA VAL B 87 11.39 10.70 -22.07
C VAL B 87 11.47 11.31 -20.70
N SER B 88 10.34 11.60 -20.10
CA SER B 88 10.37 12.17 -18.77
C SER B 88 9.22 11.72 -17.92
N MET B 89 9.53 11.36 -16.69
CA MET B 89 8.52 10.93 -15.74
C MET B 89 8.46 11.88 -14.55
N THR B 90 7.26 12.26 -14.16
CA THR B 90 7.09 13.16 -13.02
C THR B 90 5.91 12.78 -12.15
N GLU B 91 5.81 13.39 -10.97
CA GLU B 91 4.69 13.08 -10.08
C GLU B 91 4.02 14.27 -9.42
N ASP B 92 2.72 14.41 -9.65
CA ASP B 92 1.97 15.48 -9.04
C ASP B 92 1.50 14.89 -7.74
N THR B 93 2.36 14.89 -6.74
CA THR B 93 2.03 14.16 -5.54
C THR B 93 0.85 14.77 -4.83
N SER B 94 0.62 16.06 -5.01
CA SER B 94 -0.46 16.76 -4.34
C SER B 94 -1.85 16.32 -4.81
N THR B 95 -1.93 15.70 -5.98
CA THR B 95 -3.18 15.28 -6.59
C THR B 95 -3.18 13.78 -6.84
N ASP B 96 -2.17 13.09 -6.29
CA ASP B 96 -1.98 11.67 -6.48
C ASP B 96 -2.05 11.26 -7.94
N THR B 97 -1.44 12.08 -8.80
CA THR B 97 -1.45 11.79 -10.21
C THR B 97 -0.03 11.84 -10.80
N ALA B 98 0.40 10.77 -11.42
CA ALA B 98 1.72 10.70 -12.00
C ALA B 98 1.61 10.97 -13.47
N TYR B 99 2.71 11.43 -14.06
CA TYR B 99 2.72 11.69 -15.48
C TYR B 99 3.95 11.20 -16.23
N MET B 100 3.75 10.89 -17.51
CA MET B 100 4.85 10.58 -18.41
C MET B 100 4.70 11.21 -19.77
N GLU B 101 5.81 11.64 -20.35
CA GLU B 101 5.74 12.09 -21.74
C GLU B 101 6.97 11.61 -22.48
N LEU B 102 6.81 11.38 -23.78
CA LEU B 102 7.91 11.02 -24.66
C LEU B 102 7.95 12.02 -25.82
N SER B 103 9.03 12.78 -25.97
CA SER B 103 9.11 13.74 -27.08
C SER B 103 9.75 13.05 -28.27
N SER B 104 10.43 11.94 -28.01
CA SER B 104 11.05 11.18 -29.09
C SER B 104 10.05 10.33 -29.84
N LEU B 105 9.11 11.00 -30.49
CA LEU B 105 8.04 10.36 -31.23
C LEU B 105 8.27 10.36 -32.73
N ARG B 106 8.38 9.16 -33.30
CA ARG B 106 8.59 9.06 -34.76
C ARG B 106 7.35 8.45 -35.43
N SER B 107 6.29 8.32 -34.66
CA SER B 107 4.96 7.75 -34.98
C SER B 107 4.92 6.22 -34.94
N GLU B 108 6.09 5.58 -35.04
CA GLU B 108 6.23 4.13 -35.01
C GLU B 108 6.23 3.67 -33.57
N ASP B 109 6.18 4.65 -32.70
CA ASP B 109 6.13 4.55 -31.27
C ASP B 109 4.68 4.61 -30.83
N THR B 110 3.74 4.62 -31.79
CA THR B 110 2.36 4.60 -31.37
C THR B 110 2.23 3.29 -30.67
N ALA B 111 1.71 3.34 -29.48
CA ALA B 111 1.62 2.15 -28.67
C ALA B 111 0.66 2.36 -27.54
N VAL B 112 0.33 1.27 -26.87
CA VAL B 112 -0.46 1.41 -25.68
C VAL B 112 0.48 1.65 -24.55
N TYR B 113 0.24 2.68 -23.79
CA TYR B 113 1.11 2.94 -22.68
C TYR B 113 0.36 2.63 -21.42
N TYR B 114 1.07 1.99 -20.51
CA TYR B 114 0.50 1.62 -19.24
C TYR B 114 1.28 2.18 -18.07
N CYS B 115 0.54 2.48 -17.00
CA CYS B 115 1.05 2.82 -15.69
C CYS B 115 0.85 1.56 -14.88
N ALA B 116 1.92 1.11 -14.27
CA ALA B 116 1.88 -0.07 -13.42
C ALA B 116 2.43 0.33 -12.10
N THR B 117 1.83 -0.13 -11.02
CA THR B 117 2.33 0.26 -9.73
C THR B 117 2.59 -0.91 -8.82
N ALA B 118 3.33 -0.60 -7.78
CA ALA B 118 3.61 -1.54 -6.71
C ALA B 118 3.97 -0.78 -5.45
N PHE B 119 3.87 -1.41 -4.31
CA PHE B 119 4.28 -0.72 -3.10
C PHE B 119 5.75 -0.45 -3.13
N ALA B 120 6.17 0.71 -2.63
CA ALA B 120 7.62 0.96 -2.57
C ALA B 120 8.31 -0.06 -1.64
N ILE B 121 7.60 -0.43 -0.58
CA ILE B 121 8.10 -1.36 0.42
C ILE B 121 7.15 -2.48 0.70
N THR B 122 7.64 -3.45 1.44
CA THR B 122 6.82 -4.55 1.92
C THR B 122 6.91 -4.46 3.41
N THR B 123 6.09 -5.15 4.15
CA THR B 123 6.33 -5.15 5.59
C THR B 123 6.34 -6.51 6.25
N VAL B 124 7.38 -6.71 7.07
CA VAL B 124 7.53 -7.87 7.93
C VAL B 124 7.74 -7.32 9.34
N GLY B 125 6.70 -7.24 10.14
CA GLY B 125 6.88 -6.54 11.39
C GLY B 125 7.26 -5.12 11.00
N THR B 126 8.38 -4.62 11.51
CA THR B 126 8.81 -3.27 11.19
C THR B 126 9.95 -3.22 10.18
N ASN B 127 10.36 -4.37 9.65
CA ASN B 127 11.42 -4.42 8.65
C ASN B 127 10.75 -4.38 7.29
N TYR B 128 10.95 -3.31 6.56
CA TYR B 128 10.23 -3.16 5.32
C TYR B 128 11.02 -3.42 4.05
N TYR B 129 12.29 -3.76 4.21
CA TYR B 129 13.18 -4.05 3.08
C TYR B 129 12.92 -3.08 1.92
N TYR B 130 12.90 -3.61 0.69
CA TYR B 130 12.41 -2.88 -0.47
C TYR B 130 11.57 -3.86 -1.29
N TYR B 131 10.51 -3.36 -1.93
CA TYR B 131 9.67 -4.21 -2.74
C TYR B 131 9.69 -3.86 -4.19
N TYR B 132 9.80 -4.86 -5.03
CA TYR B 132 9.75 -4.62 -6.44
C TYR B 132 8.62 -5.43 -7.04
N GLY B 133 7.97 -4.84 -8.01
CA GLY B 133 6.87 -5.49 -8.68
C GLY B 133 6.10 -4.48 -9.49
N MET B 134 5.15 -4.97 -10.26
CA MET B 134 4.28 -4.21 -11.14
C MET B 134 2.94 -4.90 -11.02
N ASP B 135 2.29 -4.68 -9.89
CA ASP B 135 1.16 -5.48 -9.49
C ASP B 135 -0.17 -4.94 -9.96
N VAL B 136 -0.29 -3.63 -10.05
CA VAL B 136 -1.57 -3.07 -10.46
C VAL B 136 -1.41 -2.24 -11.69
N TRP B 137 -2.13 -2.62 -12.72
CA TRP B 137 -2.03 -1.94 -13.99
C TRP B 137 -3.30 -1.17 -14.26
N GLY B 138 -3.16 -0.02 -14.89
CA GLY B 138 -4.34 0.74 -15.27
C GLY B 138 -4.81 0.19 -16.60
N GLN B 139 -5.88 0.74 -17.16
CA GLN B 139 -6.37 0.22 -18.43
C GLN B 139 -5.40 0.41 -19.58
N GLY B 140 -4.68 1.50 -19.53
CA GLY B 140 -3.72 1.86 -20.54
C GLY B 140 -4.38 2.77 -21.54
N THR B 141 -3.56 3.45 -22.32
CA THR B 141 -4.08 4.33 -23.35
C THR B 141 -3.34 4.21 -24.63
N THR B 142 -4.04 4.42 -25.74
CA THR B 142 -3.37 4.38 -27.02
C THR B 142 -3.03 5.78 -27.45
N VAL B 143 -1.74 6.02 -27.58
CA VAL B 143 -1.29 7.32 -27.99
C VAL B 143 -0.17 7.24 -29.03
N THR B 144 -0.07 8.30 -29.87
CA THR B 144 0.98 8.51 -30.85
C THR B 144 1.85 9.66 -30.31
N ILE C 22 19.20 -7.76 -19.01
CA ILE C 22 18.84 -9.09 -18.56
C ILE C 22 17.75 -9.60 -19.48
N VAL C 23 17.91 -10.82 -19.97
CA VAL C 23 16.97 -11.40 -20.91
C VAL C 23 16.24 -12.64 -20.42
N LEU C 24 14.93 -12.62 -20.63
CA LEU C 24 14.05 -13.74 -20.32
C LEU C 24 13.79 -14.56 -21.57
N THR C 25 14.11 -15.84 -21.50
CA THR C 25 13.95 -16.74 -22.65
C THR C 25 12.51 -17.23 -22.71
N GLN C 26 12.11 -17.88 -23.79
CA GLN C 26 10.74 -18.39 -23.86
C GLN C 26 10.64 -19.79 -24.47
N THR C 27 9.73 -20.57 -23.92
CA THR C 27 9.33 -21.86 -24.48
C THR C 27 8.42 -21.54 -25.66
N PRO C 28 8.05 -22.49 -26.54
CA PRO C 28 7.22 -22.23 -27.69
C PRO C 28 6.00 -21.48 -27.22
N LEU C 29 5.61 -20.51 -28.02
CA LEU C 29 4.54 -19.62 -27.63
C LEU C 29 3.16 -20.15 -28.02
N SER C 30 3.10 -21.29 -28.71
CA SER C 30 1.79 -21.82 -29.13
C SER C 30 0.94 -22.39 -28.01
N SER C 31 1.59 -22.87 -26.95
CA SER C 31 0.93 -23.41 -25.76
C SER C 31 -0.47 -23.99 -26.00
N PRO C 32 -0.64 -25.08 -26.79
CA PRO C 32 -1.93 -25.60 -27.25
C PRO C 32 -2.85 -25.91 -26.09
N VAL C 33 -4.15 -25.65 -26.24
CA VAL C 33 -5.09 -25.91 -25.13
C VAL C 33 -6.33 -26.77 -25.36
N THR C 34 -6.48 -27.68 -24.42
CA THR C 34 -7.66 -28.50 -24.32
C THR C 34 -8.23 -28.11 -22.98
N LEU C 35 -9.48 -27.69 -22.92
CA LEU C 35 -9.94 -27.23 -21.63
C LEU C 35 -10.12 -28.40 -20.71
N GLY C 36 -9.71 -28.19 -19.47
CA GLY C 36 -9.81 -29.18 -18.43
C GLY C 36 -8.51 -29.97 -18.33
N GLN C 37 -7.56 -29.68 -19.21
CA GLN C 37 -6.28 -30.33 -19.19
C GLN C 37 -5.27 -29.35 -18.65
N PRO C 38 -4.15 -29.81 -18.08
CA PRO C 38 -3.06 -29.01 -17.58
C PRO C 38 -2.27 -28.35 -18.69
N ALA C 39 -1.57 -27.28 -18.36
CA ALA C 39 -0.68 -26.61 -19.30
C ALA C 39 0.45 -25.93 -18.56
N SER C 40 1.56 -25.70 -19.24
CA SER C 40 2.62 -24.95 -18.61
C SER C 40 3.47 -24.23 -19.62
N ILE C 41 4.05 -23.12 -19.18
CA ILE C 41 5.00 -22.33 -19.95
C ILE C 41 6.21 -21.99 -19.11
N SER C 42 7.32 -21.66 -19.72
CA SER C 42 8.46 -21.28 -18.88
C SER C 42 9.46 -20.32 -19.55
N CYS C 43 10.40 -19.80 -18.72
CA CYS C 43 11.49 -18.92 -19.12
C CYS C 43 12.70 -19.12 -18.21
N ARG C 44 13.87 -18.72 -18.72
CA ARG C 44 15.14 -18.76 -18.02
C ARG C 44 15.82 -17.41 -18.11
N SER C 45 16.77 -17.14 -17.22
CA SER C 45 17.46 -15.86 -17.28
C SER C 45 18.89 -15.91 -17.79
N SER C 46 19.24 -14.89 -18.57
CA SER C 46 20.59 -14.68 -19.06
C SER C 46 21.53 -14.14 -17.97
N GLN C 47 20.96 -13.67 -16.86
CA GLN C 47 21.71 -13.11 -15.74
C GLN C 47 21.22 -13.63 -14.39
N SER C 48 22.11 -13.62 -13.41
CA SER C 48 21.77 -14.04 -12.06
C SER C 48 20.61 -13.28 -11.46
N LEU C 49 19.79 -14.03 -10.75
CA LEU C 49 18.60 -13.51 -10.10
C LEU C 49 18.78 -13.32 -8.63
N VAL C 50 20.01 -13.39 -8.17
CA VAL C 50 20.19 -13.26 -6.76
C VAL C 50 20.10 -11.82 -6.35
N HIS C 51 19.08 -11.57 -5.57
CA HIS C 51 18.74 -10.28 -5.03
C HIS C 51 19.48 -10.20 -3.72
N SER C 52 19.85 -9.02 -3.30
CA SER C 52 20.58 -8.86 -2.05
C SER C 52 19.89 -9.52 -0.86
N ASP C 53 18.56 -9.49 -0.81
CA ASP C 53 17.83 -10.09 0.31
C ASP C 53 17.31 -11.49 -0.03
N GLY C 54 17.68 -12.00 -1.20
CA GLY C 54 17.22 -13.31 -1.66
C GLY C 54 15.79 -13.27 -2.20
N ASN C 55 15.26 -12.07 -2.33
CA ASN C 55 13.87 -11.86 -2.70
C ASN C 55 13.49 -12.43 -4.05
N THR C 56 14.42 -12.51 -4.99
CA THR C 56 14.15 -13.10 -6.29
C THR C 56 12.88 -12.52 -6.91
N TYR C 57 12.91 -11.21 -7.20
CA TYR C 57 11.73 -10.55 -7.71
C TYR C 57 11.41 -10.75 -9.17
N LEU C 58 10.80 -11.89 -9.42
CA LEU C 58 10.29 -12.30 -10.72
C LEU C 58 8.83 -12.57 -10.49
N SER C 59 8.02 -12.38 -11.51
CA SER C 59 6.58 -12.57 -11.37
C SER C 59 5.89 -12.95 -12.70
N TRP C 60 4.59 -13.28 -12.66
CA TRP C 60 3.88 -13.65 -13.90
C TRP C 60 2.58 -12.89 -14.15
N LEU C 61 2.32 -12.52 -15.42
CA LEU C 61 1.11 -11.78 -15.82
C LEU C 61 0.31 -12.47 -16.90
N GLN C 62 -0.98 -12.19 -16.91
CA GLN C 62 -1.88 -12.64 -17.96
C GLN C 62 -2.65 -11.53 -18.62
N GLN C 63 -2.63 -11.49 -19.95
CA GLN C 63 -3.38 -10.46 -20.65
C GLN C 63 -4.47 -10.98 -21.52
N ARG C 64 -5.68 -10.63 -21.14
CA ARG C 64 -6.84 -11.04 -21.90
C ARG C 64 -7.02 -9.91 -22.92
N PRO C 65 -7.71 -10.11 -24.04
CA PRO C 65 -8.00 -9.06 -25.00
C PRO C 65 -8.83 -7.93 -24.40
N GLY C 66 -8.57 -6.70 -24.85
CA GLY C 66 -9.34 -5.53 -24.40
C GLY C 66 -8.97 -5.02 -23.02
N GLN C 67 -7.78 -5.33 -22.57
CA GLN C 67 -7.38 -4.96 -21.23
C GLN C 67 -5.86 -5.05 -21.05
N PRO C 68 -5.31 -4.48 -19.97
CA PRO C 68 -3.93 -4.55 -19.55
C PRO C 68 -3.67 -5.93 -19.08
N PRO C 69 -2.41 -6.34 -18.99
CA PRO C 69 -2.03 -7.57 -18.40
C PRO C 69 -2.32 -7.41 -16.93
N ARG C 70 -2.65 -8.48 -16.25
CA ARG C 70 -2.84 -8.40 -14.82
C ARG C 70 -1.84 -9.32 -14.21
N LEU C 71 -1.35 -8.97 -13.04
CA LEU C 71 -0.37 -9.85 -12.47
C LEU C 71 -1.10 -11.00 -11.80
N LEU C 72 -0.66 -12.24 -12.05
CA LEU C 72 -1.30 -13.37 -11.42
C LEU C 72 -0.52 -13.83 -10.21
N ILE C 73 0.78 -13.96 -10.43
CA ILE C 73 1.66 -14.44 -9.38
C ILE C 73 2.55 -13.27 -9.04
N TYR C 74 2.50 -12.82 -7.80
CA TYR C 74 3.23 -11.64 -7.37
C TYR C 74 4.72 -11.89 -7.21
N LYS C 75 5.07 -13.12 -6.85
CA LYS C 75 6.50 -13.45 -6.74
C LYS C 75 6.74 -14.72 -7.53
N ILE C 76 7.40 -15.70 -6.92
CA ILE C 76 7.57 -16.97 -7.60
C ILE C 76 6.41 -17.87 -7.23
N SER C 77 6.19 -18.01 -5.92
CA SER C 77 5.13 -18.87 -5.41
C SER C 77 3.99 -18.08 -4.79
N ASN C 78 4.11 -16.77 -4.80
CA ASN C 78 3.13 -15.90 -4.18
C ASN C 78 2.00 -15.54 -5.12
N ARG C 79 0.87 -16.21 -4.96
CA ARG C 79 -0.32 -16.02 -5.79
C ARG C 79 -1.22 -14.95 -5.20
N PHE C 80 -1.84 -14.14 -6.03
CA PHE C 80 -2.74 -13.11 -5.51
C PHE C 80 -4.23 -13.44 -5.63
N SER C 81 -5.01 -13.02 -4.63
CA SER C 81 -6.43 -13.28 -4.64
C SER C 81 -7.12 -12.87 -5.94
N GLY C 82 -8.01 -13.75 -6.38
CA GLY C 82 -8.73 -13.57 -7.64
C GLY C 82 -8.13 -14.50 -8.67
N VAL C 83 -6.93 -14.99 -8.37
CA VAL C 83 -6.23 -15.93 -9.21
C VAL C 83 -6.44 -17.27 -8.55
N PRO C 84 -6.98 -18.27 -9.23
CA PRO C 84 -7.27 -19.58 -8.69
C PRO C 84 -5.99 -20.35 -8.44
N ASP C 85 -6.13 -21.37 -7.62
CA ASP C 85 -5.08 -22.28 -7.17
C ASP C 85 -4.48 -23.09 -8.30
N ARG C 86 -5.13 -23.00 -9.43
CA ARG C 86 -4.71 -23.64 -10.62
C ARG C 86 -3.35 -23.09 -11.04
N PHE C 87 -3.03 -21.83 -10.70
CA PHE C 87 -1.77 -21.23 -11.12
C PHE C 87 -0.64 -21.25 -10.08
N SER C 88 0.58 -21.58 -10.56
CA SER C 88 1.80 -21.54 -9.74
C SER C 88 3.03 -21.18 -10.55
N GLY C 89 3.89 -20.31 -10.00
CA GLY C 89 5.13 -19.83 -10.67
C GLY C 89 6.42 -20.55 -10.28
N SER C 90 6.30 -21.65 -9.55
CA SER C 90 7.45 -22.37 -8.99
C SER C 90 8.56 -22.75 -9.96
N GLY C 91 9.80 -22.65 -9.46
CA GLY C 91 10.98 -22.97 -10.23
C GLY C 91 12.25 -22.64 -9.48
N ALA C 92 13.39 -22.84 -10.13
CA ALA C 92 14.70 -22.62 -9.53
C ALA C 92 15.80 -22.53 -10.58
N GLY C 93 16.93 -21.91 -10.24
CA GLY C 93 18.07 -21.93 -11.16
C GLY C 93 17.77 -21.06 -12.36
N THR C 94 16.94 -20.06 -12.09
CA THR C 94 16.37 -19.08 -13.01
C THR C 94 15.26 -19.66 -13.87
N ASP C 95 15.06 -20.98 -13.82
CA ASP C 95 14.09 -21.63 -14.67
C ASP C 95 12.74 -21.66 -13.97
N PHE C 96 11.87 -20.77 -14.40
CA PHE C 96 10.59 -20.67 -13.74
C PHE C 96 9.48 -21.09 -14.67
N THR C 97 8.59 -21.92 -14.16
CA THR C 97 7.51 -22.42 -14.96
C THR C 97 6.19 -21.98 -14.39
N LEU C 98 5.33 -21.46 -15.24
CA LEU C 98 4.02 -21.12 -14.79
C LEU C 98 3.20 -22.34 -15.11
N LYS C 99 2.71 -22.96 -14.08
CA LYS C 99 1.97 -24.17 -14.24
C LYS C 99 0.53 -23.88 -14.02
N ILE C 100 -0.30 -24.43 -14.89
CA ILE C 100 -1.72 -24.30 -14.75
C ILE C 100 -2.24 -25.72 -14.55
N SER C 101 -2.84 -26.03 -13.40
CA SER C 101 -3.24 -27.40 -13.15
C SER C 101 -4.30 -27.86 -14.13
N ARG C 102 -5.15 -26.94 -14.55
CA ARG C 102 -6.20 -27.18 -15.49
C ARG C 102 -6.42 -25.87 -16.22
N VAL C 103 -6.43 -25.86 -17.52
CA VAL C 103 -6.76 -24.62 -18.17
C VAL C 103 -8.25 -24.65 -18.31
N GLU C 104 -8.94 -23.67 -17.75
CA GLU C 104 -10.37 -23.71 -17.83
C GLU C 104 -10.89 -22.62 -18.74
N ALA C 105 -12.19 -22.59 -18.92
CA ALA C 105 -12.75 -21.61 -19.80
C ALA C 105 -12.38 -20.26 -19.28
N GLU C 106 -12.04 -19.39 -20.20
CA GLU C 106 -11.66 -18.02 -19.95
C GLU C 106 -10.32 -17.84 -19.25
N ASP C 107 -9.47 -18.86 -19.24
CA ASP C 107 -8.10 -18.69 -18.76
C ASP C 107 -7.18 -18.34 -19.92
N VAL C 108 -7.74 -18.23 -21.12
CA VAL C 108 -6.96 -17.99 -22.32
C VAL C 108 -6.69 -16.51 -22.69
N GLY C 109 -5.40 -16.23 -22.82
CA GLY C 109 -4.80 -14.93 -23.14
C GLY C 109 -3.27 -15.05 -23.26
N LEU C 110 -2.57 -13.91 -23.27
CA LEU C 110 -1.11 -13.95 -23.36
C LEU C 110 -0.51 -14.07 -21.99
N TYR C 111 0.57 -14.81 -21.88
CA TYR C 111 1.24 -14.94 -20.61
C TYR C 111 2.70 -14.54 -20.60
N TYR C 112 3.03 -13.72 -19.63
CA TYR C 112 4.37 -13.19 -19.49
C TYR C 112 5.03 -13.47 -18.16
N CYS C 113 6.37 -13.67 -18.18
CA CYS C 113 7.19 -13.71 -16.98
C CYS C 113 7.86 -12.34 -16.98
N THR C 114 8.14 -11.87 -15.79
CA THR C 114 8.75 -10.59 -15.58
C THR C 114 10.09 -10.73 -14.95
N GLN C 115 10.85 -9.64 -15.02
CA GLN C 115 12.14 -9.58 -14.40
C GLN C 115 12.43 -8.27 -13.71
N ALA C 116 12.48 -8.26 -12.37
CA ALA C 116 12.77 -7.05 -11.62
C ALA C 116 13.94 -7.25 -10.66
N THR C 117 14.86 -8.18 -10.96
CA THR C 117 16.01 -8.40 -10.08
C THR C 117 17.20 -7.49 -10.39
N GLN C 118 17.17 -6.86 -11.54
CA GLN C 118 18.23 -5.99 -12.03
C GLN C 118 17.71 -4.58 -12.18
N PHE C 119 18.58 -3.58 -12.22
CA PHE C 119 18.09 -2.23 -12.43
C PHE C 119 17.16 -2.09 -13.65
N PRO C 120 17.53 -2.55 -14.87
CA PRO C 120 16.63 -2.57 -16.00
C PRO C 120 15.63 -3.67 -15.71
N HIS C 121 14.40 -3.48 -16.12
CA HIS C 121 13.40 -4.53 -15.93
C HIS C 121 12.92 -4.99 -17.28
N THR C 122 12.57 -6.26 -17.37
CA THR C 122 12.04 -6.75 -18.63
C THR C 122 10.88 -7.72 -18.53
N PHE C 123 10.42 -8.13 -19.71
CA PHE C 123 9.32 -9.07 -19.91
C PHE C 123 9.71 -10.11 -20.96
N GLY C 124 9.10 -11.29 -20.89
CA GLY C 124 9.33 -12.30 -21.93
C GLY C 124 8.51 -11.92 -23.17
N GLN C 125 8.54 -12.74 -24.23
CA GLN C 125 7.83 -12.39 -25.47
C GLN C 125 6.31 -12.42 -25.32
N GLY C 126 5.85 -13.42 -24.55
CA GLY C 126 4.44 -13.65 -24.28
C GLY C 126 3.94 -14.88 -24.99
N THR C 127 3.59 -15.90 -24.21
CA THR C 127 3.11 -17.12 -24.83
C THR C 127 1.64 -16.93 -25.01
N ARG C 128 1.00 -17.71 -25.84
CA ARG C 128 -0.44 -17.54 -25.94
C ARG C 128 -1.14 -18.84 -25.73
N LEU C 129 -2.05 -18.91 -24.79
CA LEU C 129 -2.73 -20.19 -24.72
C LEU C 129 -3.56 -20.26 -25.96
N ASP C 130 -3.51 -21.37 -26.67
CA ASP C 130 -4.28 -21.39 -27.92
C ASP C 130 -5.00 -22.73 -28.11
N ILE C 131 -6.30 -22.75 -27.76
CA ILE C 131 -7.28 -23.86 -27.78
C ILE C 131 -6.95 -25.04 -28.76
#